data_5ACZ
#
_entry.id   5ACZ
#
_cell.length_a   71.610
_cell.length_b   72.328
_cell.length_c   72.815
_cell.angle_alpha   90.00
_cell.angle_beta   90.00
_cell.angle_gamma   90.00
#
_symmetry.space_group_name_H-M   'P 21 21 21'
#
loop_
_entity.id
_entity.type
_entity.pdbx_description
1 polymer 'MHC CLASS I ALPHA CHAIN 2'
2 polymer BETA-2-MICROGLOBULIN
3 polymer '11MER PEPTIDE'
4 non-polymer 1,2-ETHANEDIOL
5 water water
#
loop_
_entity_poly.entity_id
_entity_poly.type
_entity_poly.pdbx_seq_one_letter_code
_entity_poly.pdbx_strand_id
1 'polypeptide(L)'
;MGSCGALGLGLLLAAVCGAAAELHTLRYIRTAMTDPGPGLPWFVDVGYVDGELFMHYNSTARRAVPRTEWIAANTDQQYW
DRETQIVQGSEQINRENLDILRRRYNQTGGSHTVQWMSGCDILEDGTIRGYHQAAYDGRDFVAFDKGTMTLTAAVPEAVP
TKRKWEEGGYAEGLKQYLEETCVEWLRRYVEYGKAELGRRERPEVRVWGKEADGILTLSCRAHGFYPRPIVVSWLKDGAV
RGQDAQSGGIVPNGDGTYHTWVTIDAQPGDGDKYQCRVEHASLPQPGLYSWRSGGGLNDIFEAQKIEWHENSSSVDKLAA
ALEHHHHHH
;
A
2 'polypeptide(L)'
;DLTPKVQVYSRFPASAGTKNVLNCFAAGFHPPKISITLMKDGVPMEGAQYSDMSFNDDWTFQRLVHADFTPSSGSTYACK
VEHETLKEPQVYKWDPEF
;
B
3 'polypeptide(L)' GRAEEYGADTL C
#
loop_
_chem_comp.id
_chem_comp.type
_chem_comp.name
_chem_comp.formula
EDO non-polymer 1,2-ETHANEDIOL 'C2 H6 O2'
#
# COMPACT_ATOMS: atom_id res chain seq x y z
N LEU A 23 -4.55 -18.38 1.30
CA LEU A 23 -5.33 -17.10 1.32
C LEU A 23 -5.21 -16.36 -0.01
N HIS A 24 -6.37 -16.10 -0.62
CA HIS A 24 -6.49 -15.25 -1.81
C HIS A 24 -7.40 -14.07 -1.52
N THR A 25 -7.04 -12.89 -2.03
CA THR A 25 -7.77 -11.65 -1.75
C THR A 25 -8.01 -10.83 -3.02
N LEU A 26 -9.25 -10.35 -3.17
CA LEU A 26 -9.59 -9.31 -4.14
C LEU A 26 -9.98 -8.05 -3.35
N ARG A 27 -9.37 -6.92 -3.70
CA ARG A 27 -9.53 -5.68 -2.95
C ARG A 27 -9.70 -4.46 -3.85
N TYR A 28 -10.85 -3.78 -3.71
CA TYR A 28 -11.11 -2.51 -4.36
C TYR A 28 -11.09 -1.39 -3.33
N ILE A 29 -10.15 -0.45 -3.50
CA ILE A 29 -10.04 0.73 -2.63
C ILE A 29 -10.09 2.04 -3.42
N ARG A 30 -10.90 2.98 -2.93
CA ARG A 30 -11.13 4.26 -3.61
C ARG A 30 -11.18 5.45 -2.65
N THR A 31 -10.70 6.60 -3.12
CA THR A 31 -10.64 7.83 -2.32
C THR A 31 -11.17 9.03 -3.08
N ALA A 32 -12.20 9.67 -2.52
CA ALA A 32 -12.66 10.98 -2.99
C ALA A 32 -12.09 12.05 -2.06
N MET A 33 -11.33 12.99 -2.65
CA MET A 33 -10.60 14.02 -1.91
C MET A 33 -11.11 15.41 -2.24
N THR A 34 -11.10 16.30 -1.26
CA THR A 34 -11.36 17.72 -1.47
C THR A 34 -10.08 18.43 -1.92
N ASP A 35 -8.93 17.93 -1.44
CA ASP A 35 -7.63 18.53 -1.72
C ASP A 35 -6.56 17.48 -2.11
N PRO A 36 -6.52 17.08 -3.40
CA PRO A 36 -5.52 16.10 -3.90
C PRO A 36 -3.99 16.43 -3.82
N GLY A 37 -3.48 17.62 -4.16
CA GLY A 37 -4.20 18.82 -4.59
C GLY A 37 -3.87 19.27 -6.01
N PRO A 38 -2.83 20.13 -6.18
CA PRO A 38 -2.52 20.79 -7.46
C PRO A 38 -2.12 19.84 -8.59
N GLY A 39 -2.94 19.80 -9.64
CA GLY A 39 -2.71 18.98 -10.83
C GLY A 39 -2.84 17.48 -10.63
N LEU A 40 -3.52 17.07 -9.56
CA LEU A 40 -3.72 15.66 -9.21
C LEU A 40 -5.21 15.34 -9.13
N PRO A 41 -5.61 14.09 -9.48
CA PRO A 41 -7.05 13.74 -9.49
C PRO A 41 -7.67 13.62 -8.10
N TRP A 42 -8.90 14.13 -7.96
CA TRP A 42 -9.61 14.13 -6.68
C TRP A 42 -10.21 12.76 -6.32
N PHE A 43 -10.48 11.94 -7.34
CA PHE A 43 -10.96 10.56 -7.15
C PHE A 43 -10.00 9.54 -7.76
N VAL A 44 -9.49 8.64 -6.92
CA VAL A 44 -8.59 7.56 -7.34
C VAL A 44 -9.14 6.22 -6.83
N ASP A 45 -9.47 5.32 -7.76
CA ASP A 45 -9.92 3.96 -7.43
C ASP A 45 -8.96 2.93 -8.02
N VAL A 46 -8.61 1.93 -7.20
CA VAL A 46 -7.64 0.89 -7.58
C VAL A 46 -8.06 -0.52 -7.13
N GLY A 47 -7.76 -1.50 -7.97
CA GLY A 47 -8.01 -2.91 -7.68
C GLY A 47 -6.74 -3.66 -7.29
N TYR A 48 -6.89 -4.66 -6.44
CA TYR A 48 -5.79 -5.49 -5.95
C TYR A 48 -6.15 -6.98 -5.92
N VAL A 49 -5.27 -7.80 -6.51
CA VAL A 49 -5.36 -9.27 -6.39
C VAL A 49 -4.12 -9.76 -5.65
N ASP A 50 -4.35 -10.31 -4.46
CA ASP A 50 -3.30 -10.83 -3.55
C ASP A 50 -2.18 -9.81 -3.25
N GLY A 51 -2.57 -8.55 -3.09
CA GLY A 51 -1.63 -7.46 -2.86
C GLY A 51 -1.10 -6.78 -4.10
N GLU A 52 -1.30 -7.42 -5.27
CA GLU A 52 -0.80 -6.91 -6.54
C GLU A 52 -1.82 -6.02 -7.25
N LEU A 53 -1.38 -4.80 -7.56
CA LEU A 53 -2.16 -3.80 -8.28
C LEU A 53 -2.38 -4.22 -9.73
N PHE A 54 -3.65 -4.31 -10.13
CA PHE A 54 -4.02 -4.75 -11.49
C PHE A 54 -4.94 -3.76 -12.22
N MET A 55 -5.63 -2.91 -11.47
CA MET A 55 -6.59 -1.95 -12.00
C MET A 55 -6.34 -0.55 -11.46
N HIS A 56 -6.57 0.46 -12.30
CA HIS A 56 -6.51 1.87 -11.89
C HIS A 56 -7.59 2.71 -12.58
N TYR A 57 -8.23 3.57 -11.79
CA TYR A 57 -9.14 4.60 -12.29
C TYR A 57 -8.85 5.91 -11.57
N ASN A 58 -8.88 7.01 -12.32
CA ASN A 58 -8.82 8.36 -11.76
C ASN A 58 -9.81 9.32 -12.42
N SER A 59 -10.18 10.37 -11.70
CA SER A 59 -11.18 11.36 -12.14
C SER A 59 -10.75 12.20 -13.36
N THR A 60 -9.44 12.28 -13.62
CA THR A 60 -8.90 13.02 -14.76
C THR A 60 -9.06 12.22 -16.05
N ALA A 61 -8.60 10.96 -16.05
CA ALA A 61 -8.64 10.09 -17.23
C ALA A 61 -10.04 9.61 -17.59
N ARG A 62 -10.85 9.38 -16.55
CA ARG A 62 -12.24 8.86 -16.66
C ARG A 62 -12.34 7.49 -17.36
N ARG A 63 -11.29 6.69 -17.24
CA ARG A 63 -11.23 5.33 -17.79
C ARG A 63 -10.54 4.35 -16.83
N ALA A 64 -11.06 3.13 -16.77
CA ALA A 64 -10.44 2.04 -16.01
C ALA A 64 -9.41 1.32 -16.88
N VAL A 65 -8.16 1.30 -16.41
CA VAL A 65 -7.03 0.77 -17.18
C VAL A 65 -6.33 -0.41 -16.47
N PRO A 66 -5.78 -1.37 -17.25
CA PRO A 66 -4.94 -2.43 -16.65
C PRO A 66 -3.64 -1.89 -16.08
N ARG A 67 -3.13 -2.54 -15.03
CA ARG A 67 -1.86 -2.18 -14.42
C ARG A 67 -0.82 -3.32 -14.45
N THR A 68 -1.25 -4.49 -14.89
CA THR A 68 -0.35 -5.63 -15.13
C THR A 68 -0.59 -6.26 -16.50
N GLU A 69 0.41 -7.00 -16.98
CA GLU A 69 0.36 -7.68 -18.28
C GLU A 69 -0.58 -8.89 -18.28
N TRP A 70 -0.74 -9.53 -17.12
CA TRP A 70 -1.58 -10.73 -17.00
C TRP A 70 -3.08 -10.49 -17.03
N ILE A 71 -3.50 -9.27 -16.67
CA ILE A 71 -4.91 -8.87 -16.75
C ILE A 71 -5.32 -8.36 -18.14
N ALA A 72 -4.42 -7.60 -18.78
CA ALA A 72 -4.65 -7.03 -20.10
C ALA A 72 -4.72 -8.08 -21.20
N ALA A 73 -3.93 -9.15 -21.06
CA ALA A 73 -3.89 -10.26 -22.03
C ALA A 73 -5.13 -11.16 -21.96
N ASN A 74 -5.78 -11.19 -20.81
CA ASN A 74 -6.94 -12.09 -20.56
C ASN A 74 -8.31 -11.41 -20.62
N THR A 75 -8.34 -10.12 -20.97
CA THR A 75 -9.59 -9.35 -21.05
C THR A 75 -9.66 -8.49 -22.30
N ASP A 76 -10.87 -8.37 -22.86
CA ASP A 76 -11.15 -7.51 -24.01
C ASP A 76 -11.57 -6.09 -23.56
N GLN A 77 -11.71 -5.17 -24.53
CA GLN A 77 -12.14 -3.79 -24.25
C GLN A 77 -13.61 -3.71 -23.82
N GLN A 78 -14.38 -4.76 -24.12
CA GLN A 78 -15.77 -4.90 -23.68
C GLN A 78 -15.88 -5.04 -22.16
N TYR A 79 -14.87 -5.67 -21.56
CA TYR A 79 -14.72 -5.78 -20.10
C TYR A 79 -14.41 -4.42 -19.47
N TRP A 80 -13.41 -3.72 -20.03
CA TRP A 80 -12.92 -2.46 -19.49
C TRP A 80 -13.90 -1.30 -19.61
N ASP A 81 -14.64 -1.23 -20.72
CA ASP A 81 -15.72 -0.25 -20.91
C ASP A 81 -16.85 -0.45 -19.90
N ARG A 82 -17.10 -1.72 -19.56
CA ARG A 82 -18.12 -2.11 -18.58
C ARG A 82 -17.68 -1.72 -17.16
N GLU A 83 -16.40 -1.92 -16.87
CA GLU A 83 -15.81 -1.52 -15.58
C GLU A 83 -15.71 0.00 -15.45
N THR A 84 -15.47 0.68 -16.57
CA THR A 84 -15.43 2.14 -16.63
C THR A 84 -16.79 2.75 -16.25
N GLN A 85 -17.88 2.20 -16.81
CA GLN A 85 -19.25 2.64 -16.52
C GLN A 85 -19.63 2.53 -15.03
N ILE A 86 -19.14 1.49 -14.37
CA ILE A 86 -19.38 1.25 -12.95
C ILE A 86 -18.65 2.27 -12.06
N VAL A 87 -17.35 2.44 -12.29
CA VAL A 87 -16.51 3.33 -11.46
C VAL A 87 -16.83 4.82 -11.71
N GLN A 88 -17.24 5.16 -12.93
CA GLN A 88 -17.75 6.51 -13.25
C GLN A 88 -18.98 6.87 -12.41
N GLY A 89 -19.85 5.89 -12.20
CA GLY A 89 -20.99 6.01 -11.29
C GLY A 89 -20.54 6.14 -9.84
N SER A 90 -19.59 5.29 -9.44
CA SER A 90 -18.99 5.31 -8.11
C SER A 90 -18.28 6.62 -7.77
N GLU A 91 -17.70 7.26 -8.79
CA GLU A 91 -17.06 8.58 -8.68
C GLU A 91 -18.09 9.66 -8.33
N GLN A 92 -19.22 9.65 -9.04
CA GLN A 92 -20.29 10.64 -8.86
C GLN A 92 -21.02 10.50 -7.52
N ILE A 93 -21.15 9.25 -7.05
CA ILE A 93 -21.69 8.95 -5.72
C ILE A 93 -20.79 9.54 -4.63
N ASN A 94 -19.49 9.28 -4.75
CA ASN A 94 -18.49 9.77 -3.81
C ASN A 94 -18.18 11.27 -3.92
N ARG A 95 -18.53 11.87 -5.07
CA ARG A 95 -18.53 13.32 -5.26
C ARG A 95 -19.55 13.97 -4.31
N GLU A 96 -20.78 13.45 -4.35
CA GLU A 96 -21.88 13.95 -3.52
C GLU A 96 -21.69 13.62 -2.05
N ASN A 97 -21.06 12.48 -1.77
CA ASN A 97 -20.71 12.06 -0.39
C ASN A 97 -19.84 13.06 0.36
N LEU A 98 -18.92 13.71 -0.37
CA LEU A 98 -18.10 14.79 0.16
C LEU A 98 -18.94 16.00 0.58
N ASP A 99 -19.97 16.32 -0.21
CA ASP A 99 -20.93 17.38 0.12
C ASP A 99 -21.82 16.99 1.30
N ILE A 100 -22.32 15.76 1.28
CA ILE A 100 -23.27 15.24 2.27
C ILE A 100 -22.66 15.18 3.69
N LEU A 101 -21.46 14.61 3.79
CA LEU A 101 -20.79 14.41 5.09
C LEU A 101 -20.16 15.67 5.68
N ARG A 102 -19.83 16.64 4.84
CA ARG A 102 -19.44 17.98 5.31
C ARG A 102 -20.64 18.72 5.91
N ARG A 103 -21.80 18.57 5.29
CA ARG A 103 -23.07 19.08 5.82
C ARG A 103 -23.50 18.35 7.10
N ARG A 104 -23.22 17.05 7.16
CA ARG A 104 -23.49 16.20 8.33
C ARG A 104 -22.67 16.64 9.54
N TYR A 105 -21.42 17.02 9.29
CA TYR A 105 -20.48 17.45 10.34
C TYR A 105 -20.41 18.97 10.51
N ASN A 106 -21.26 19.69 9.77
CA ASN A 106 -21.32 21.18 9.77
C ASN A 106 -20.00 21.88 9.42
N GLN A 107 -19.36 21.40 8.35
CA GLN A 107 -18.06 21.90 7.91
C GLN A 107 -18.15 22.60 6.55
N THR A 108 -17.24 23.55 6.32
CA THR A 108 -17.11 24.25 5.05
C THR A 108 -15.71 24.05 4.48
N GLY A 109 -15.64 23.76 3.18
CA GLY A 109 -14.37 23.58 2.46
C GLY A 109 -13.41 22.60 3.10
N GLY A 110 -12.14 23.01 3.21
CA GLY A 110 -11.11 22.25 3.91
C GLY A 110 -10.62 20.98 3.23
N SER A 111 -9.75 20.26 3.94
CA SER A 111 -9.21 18.99 3.47
C SER A 111 -10.00 17.82 4.07
N HIS A 112 -10.73 17.12 3.21
CA HIS A 112 -11.58 16.00 3.62
C HIS A 112 -11.48 14.82 2.67
N THR A 113 -11.72 13.61 3.19
CA THR A 113 -11.69 12.38 2.41
C THR A 113 -12.84 11.43 2.71
N VAL A 114 -13.33 10.80 1.65
CA VAL A 114 -14.19 9.63 1.74
C VAL A 114 -13.38 8.46 1.23
N GLN A 115 -13.33 7.39 2.02
CA GLN A 115 -12.65 6.16 1.63
C GLN A 115 -13.59 4.96 1.65
N TRP A 116 -13.47 4.11 0.64
CA TRP A 116 -14.22 2.84 0.58
C TRP A 116 -13.27 1.65 0.42
N MET A 117 -13.58 0.57 1.12
CA MET A 117 -12.83 -0.67 1.07
C MET A 117 -13.80 -1.83 0.81
N SER A 118 -13.66 -2.46 -0.34
CA SER A 118 -14.59 -3.53 -0.78
C SER A 118 -13.85 -4.73 -1.34
N GLY A 119 -14.32 -5.92 -0.97
CA GLY A 119 -13.75 -7.15 -1.49
C GLY A 119 -14.12 -8.43 -0.76
N CYS A 120 -13.46 -9.51 -1.17
CA CYS A 120 -13.73 -10.85 -0.65
C CYS A 120 -12.43 -11.65 -0.46
N ASP A 121 -12.47 -12.60 0.45
CA ASP A 121 -11.33 -13.50 0.72
C ASP A 121 -11.69 -14.96 0.49
N ILE A 122 -10.77 -15.70 -0.13
CA ILE A 122 -10.79 -17.16 -0.12
C ILE A 122 -9.68 -17.62 0.82
N LEU A 123 -10.06 -18.06 2.02
CA LEU A 123 -9.11 -18.53 3.03
C LEU A 123 -8.59 -19.93 2.73
N GLU A 124 -7.55 -20.35 3.45
CA GLU A 124 -6.97 -21.70 3.35
C GLU A 124 -7.98 -22.80 3.74
N ASP A 125 -8.91 -22.44 4.62
CA ASP A 125 -10.04 -23.27 5.03
C ASP A 125 -10.95 -23.66 3.86
N GLY A 126 -11.00 -22.82 2.83
CA GLY A 126 -11.91 -22.99 1.70
C GLY A 126 -13.20 -22.19 1.88
N THR A 127 -13.29 -21.46 2.98
CA THR A 127 -14.44 -20.62 3.31
C THR A 127 -14.22 -19.14 2.90
N ILE A 128 -15.32 -18.38 2.82
CA ILE A 128 -15.33 -17.05 2.22
C ILE A 128 -15.64 -15.94 3.24
N ARG A 129 -14.80 -14.90 3.24
CA ARG A 129 -15.06 -13.66 3.97
C ARG A 129 -15.42 -12.53 2.99
N GLY A 130 -16.20 -11.55 3.47
CA GLY A 130 -16.66 -10.43 2.64
C GLY A 130 -16.77 -9.11 3.40
N TYR A 131 -16.28 -8.04 2.78
CA TYR A 131 -16.23 -6.71 3.40
C TYR A 131 -16.66 -5.60 2.46
N HIS A 132 -17.34 -4.60 3.01
CA HIS A 132 -17.71 -3.36 2.32
C HIS A 132 -17.84 -2.24 3.36
N GLN A 133 -16.74 -1.52 3.60
CA GLN A 133 -16.68 -0.52 4.67
C GLN A 133 -16.07 0.83 4.26
N ALA A 134 -16.56 1.89 4.90
CA ALA A 134 -16.18 3.28 4.58
C ALA A 134 -15.54 4.03 5.73
N ALA A 135 -14.80 5.09 5.39
CA ALA A 135 -14.21 6.00 6.35
C ALA A 135 -14.33 7.45 5.91
N TYR A 136 -14.62 8.33 6.88
CA TYR A 136 -14.59 9.77 6.67
C TYR A 136 -13.46 10.37 7.48
N ASP A 137 -12.56 11.07 6.79
CA ASP A 137 -11.33 11.66 7.36
C ASP A 137 -10.42 10.65 8.08
N GLY A 138 -10.25 9.48 7.46
CA GLY A 138 -9.36 8.42 7.95
C GLY A 138 -9.83 7.66 9.17
N ARG A 139 -11.10 7.86 9.54
CA ARG A 139 -11.70 7.19 10.70
C ARG A 139 -12.96 6.44 10.29
N ASP A 140 -13.08 5.21 10.81
CA ASP A 140 -14.21 4.31 10.53
C ASP A 140 -15.57 5.01 10.66
N PHE A 141 -16.35 4.93 9.59
CA PHE A 141 -17.66 5.56 9.50
C PHE A 141 -18.75 4.50 9.50
N VAL A 142 -18.79 3.66 8.45
CA VAL A 142 -19.72 2.55 8.35
C VAL A 142 -19.06 1.25 7.88
N ALA A 143 -19.65 0.12 8.27
CA ALA A 143 -19.23 -1.21 7.82
C ALA A 143 -20.45 -2.11 7.61
N PHE A 144 -20.49 -2.77 6.45
CA PHE A 144 -21.57 -3.70 6.11
C PHE A 144 -21.36 -5.04 6.80
N ASP A 145 -22.41 -5.50 7.50
CA ASP A 145 -22.42 -6.82 8.11
C ASP A 145 -23.09 -7.80 7.16
N LYS A 146 -22.28 -8.70 6.59
CA LYS A 146 -22.74 -9.68 5.60
C LYS A 146 -23.75 -10.68 6.18
N GLY A 147 -23.53 -11.05 7.44
CA GLY A 147 -24.37 -12.03 8.14
C GLY A 147 -25.76 -11.51 8.42
N THR A 148 -25.86 -10.42 9.17
CA THR A 148 -27.14 -9.83 9.58
C THR A 148 -27.82 -8.97 8.50
N MET A 149 -27.09 -8.70 7.39
CA MET A 149 -27.54 -7.86 6.26
C MET A 149 -27.89 -6.42 6.66
N THR A 150 -27.09 -5.87 7.58
CA THR A 150 -27.28 -4.51 8.08
C THR A 150 -25.98 -3.72 7.98
N LEU A 151 -26.10 -2.40 7.89
CA LEU A 151 -24.94 -1.51 7.90
C LEU A 151 -24.70 -1.00 9.32
N THR A 152 -23.52 -1.33 9.86
CA THR A 152 -23.11 -0.89 11.19
C THR A 152 -22.59 0.55 11.11
N ALA A 153 -23.10 1.41 11.99
CA ALA A 153 -22.64 2.79 12.10
C ALA A 153 -21.69 2.92 13.27
N ALA A 154 -20.43 3.22 12.96
CA ALA A 154 -19.36 3.33 13.97
C ALA A 154 -19.42 4.61 14.81
N VAL A 155 -20.12 5.63 14.30
CA VAL A 155 -20.18 6.95 14.91
C VAL A 155 -21.64 7.48 14.90
N PRO A 156 -22.03 8.36 15.87
CA PRO A 156 -23.39 8.93 15.87
C PRO A 156 -23.81 9.67 14.59
N GLU A 157 -22.85 10.34 13.94
CA GLU A 157 -23.08 11.02 12.66
C GLU A 157 -23.33 10.05 11.49
N ALA A 158 -23.00 8.78 11.70
CA ALA A 158 -23.17 7.73 10.69
C ALA A 158 -24.52 7.01 10.77
N VAL A 159 -25.33 7.36 11.77
CA VAL A 159 -26.69 6.82 11.94
C VAL A 159 -27.63 7.21 10.77
N PRO A 160 -27.64 8.51 10.34
CA PRO A 160 -28.45 8.86 9.15
C PRO A 160 -28.06 8.15 7.84
N THR A 161 -26.78 7.74 7.73
CA THR A 161 -26.31 6.91 6.62
C THR A 161 -26.94 5.50 6.69
N LYS A 162 -26.96 4.93 7.88
CA LYS A 162 -27.51 3.59 8.15
C LYS A 162 -28.98 3.44 7.68
N ARG A 163 -29.83 4.39 8.06
CA ARG A 163 -31.25 4.35 7.68
C ARG A 163 -31.49 4.60 6.19
N LYS A 164 -30.67 5.49 5.61
CA LYS A 164 -30.71 5.79 4.18
C LYS A 164 -30.27 4.58 3.34
N TRP A 165 -29.21 3.91 3.80
CA TRP A 165 -28.59 2.80 3.07
C TRP A 165 -29.44 1.53 3.10
N GLU A 166 -30.01 1.24 4.27
CA GLU A 166 -30.82 0.03 4.48
C GLU A 166 -32.20 0.12 3.80
N GLU A 167 -32.78 1.32 3.80
CA GLU A 167 -34.04 1.58 3.08
C GLU A 167 -33.84 1.58 1.56
N GLY A 168 -32.62 1.86 1.12
CA GLY A 168 -32.23 1.74 -0.29
C GLY A 168 -32.18 0.29 -0.79
N GLY A 169 -32.07 -0.65 0.15
CA GLY A 169 -32.13 -2.08 -0.13
C GLY A 169 -30.93 -2.63 -0.89
N TYR A 170 -29.75 -2.11 -0.58
CA TYR A 170 -28.50 -2.54 -1.21
C TYR A 170 -27.98 -3.88 -0.67
N ALA A 171 -28.40 -4.22 0.55
CA ALA A 171 -27.93 -5.40 1.29
C ALA A 171 -28.17 -6.74 0.58
N GLU A 172 -29.31 -6.84 -0.10
CA GLU A 172 -29.70 -8.03 -0.86
C GLU A 172 -28.67 -8.40 -1.93
N GLY A 173 -28.40 -7.44 -2.82
CA GLY A 173 -27.47 -7.62 -3.94
C GLY A 173 -26.01 -7.70 -3.53
N LEU A 174 -25.64 -6.90 -2.53
CA LEU A 174 -24.26 -6.85 -2.04
C LEU A 174 -23.82 -8.14 -1.34
N LYS A 175 -24.74 -8.77 -0.62
CA LYS A 175 -24.52 -10.10 -0.05
C LYS A 175 -24.19 -11.11 -1.15
N GLN A 176 -24.99 -11.10 -2.21
CA GLN A 176 -24.81 -12.01 -3.36
C GLN A 176 -23.50 -11.76 -4.10
N TYR A 177 -23.12 -10.48 -4.25
CA TYR A 177 -21.87 -10.10 -4.90
C TYR A 177 -20.64 -10.62 -4.14
N LEU A 178 -20.57 -10.29 -2.85
CA LEU A 178 -19.42 -10.62 -1.99
C LEU A 178 -19.22 -12.12 -1.76
N GLU A 179 -20.33 -12.86 -1.80
CA GLU A 179 -20.31 -14.32 -1.60
C GLU A 179 -20.09 -15.11 -2.88
N GLU A 180 -20.54 -14.57 -4.02
CA GLU A 180 -20.55 -15.32 -5.28
C GLU A 180 -19.75 -14.66 -6.41
N THR A 181 -20.19 -13.47 -6.83
CA THR A 181 -19.64 -12.76 -7.99
C THR A 181 -18.17 -12.37 -7.80
N CYS A 182 -17.87 -11.76 -6.64
CA CYS A 182 -16.52 -11.36 -6.24
C CYS A 182 -15.56 -12.56 -6.23
N VAL A 183 -16.04 -13.67 -5.67
CA VAL A 183 -15.27 -14.92 -5.52
C VAL A 183 -14.97 -15.55 -6.89
N GLU A 184 -15.99 -15.59 -7.76
CA GLU A 184 -15.87 -16.10 -9.13
C GLU A 184 -14.82 -15.35 -9.94
N TRP A 185 -14.81 -14.02 -9.81
CA TRP A 185 -13.84 -13.16 -10.46
C TRP A 185 -12.42 -13.36 -9.91
N LEU A 186 -12.31 -13.47 -8.58
CA LEU A 186 -11.02 -13.71 -7.91
C LEU A 186 -10.36 -15.02 -8.31
N ARG A 187 -11.14 -16.11 -8.35
CA ARG A 187 -10.68 -17.42 -8.81
C ARG A 187 -10.18 -17.36 -10.26
N ARG A 188 -10.88 -16.57 -11.08
CA ARG A 188 -10.53 -16.31 -12.47
C ARG A 188 -9.25 -15.48 -12.57
N TYR A 189 -9.09 -14.50 -11.67
CA TYR A 189 -7.90 -13.63 -11.64
C TYR A 189 -6.64 -14.34 -11.18
N VAL A 190 -6.79 -15.23 -10.19
CA VAL A 190 -5.70 -16.07 -9.69
C VAL A 190 -5.19 -16.98 -10.81
N GLU A 191 -6.11 -17.51 -11.61
CA GLU A 191 -5.77 -18.33 -12.78
C GLU A 191 -5.13 -17.52 -13.91
N TYR A 192 -5.61 -16.29 -14.14
CA TYR A 192 -5.05 -15.41 -15.16
C TYR A 192 -3.59 -15.00 -14.89
N GLY A 193 -3.31 -14.67 -13.63
CA GLY A 193 -1.98 -14.22 -13.21
C GLY A 193 -1.20 -15.17 -12.35
N LYS A 194 -1.37 -16.48 -12.59
CA LYS A 194 -0.73 -17.53 -11.80
C LYS A 194 0.80 -17.51 -11.91
N ALA A 195 1.30 -17.21 -13.11
CA ALA A 195 2.73 -17.10 -13.40
C ALA A 195 3.44 -16.02 -12.56
N GLU A 196 2.74 -14.90 -12.39
CA GLU A 196 3.25 -13.76 -11.62
C GLU A 196 3.00 -13.93 -10.12
N LEU A 197 1.77 -14.33 -9.76
CA LEU A 197 1.35 -14.47 -8.36
C LEU A 197 1.96 -15.67 -7.63
N GLY A 198 2.24 -16.73 -8.38
CA GLY A 198 2.80 -17.97 -7.81
C GLY A 198 4.31 -18.09 -7.89
N ARG A 199 4.97 -17.08 -8.46
CA ARG A 199 6.42 -17.08 -8.64
C ARG A 199 7.17 -16.92 -7.32
N ARG A 200 8.43 -17.35 -7.31
CA ARG A 200 9.31 -17.22 -6.14
C ARG A 200 10.60 -16.49 -6.51
N GLU A 201 10.84 -15.38 -5.82
CA GLU A 201 12.03 -14.55 -6.02
C GLU A 201 12.87 -14.55 -4.76
N ARG A 202 14.13 -14.96 -4.89
CA ARG A 202 15.07 -15.01 -3.76
C ARG A 202 15.67 -13.64 -3.49
N PRO A 203 15.63 -13.17 -2.22
CA PRO A 203 16.20 -11.87 -1.92
C PRO A 203 17.73 -11.88 -1.81
N GLU A 204 18.36 -10.80 -2.27
CA GLU A 204 19.76 -10.54 -1.99
C GLU A 204 19.83 -9.83 -0.65
N VAL A 205 20.46 -10.49 0.32
CA VAL A 205 20.46 -10.02 1.71
C VAL A 205 21.83 -9.43 2.07
N ARG A 206 21.80 -8.27 2.71
CA ARG A 206 22.99 -7.63 3.28
C ARG A 206 22.77 -7.22 4.73
N VAL A 207 23.85 -7.23 5.49
CA VAL A 207 23.84 -6.76 6.88
C VAL A 207 25.01 -5.78 7.10
N TRP A 208 24.67 -4.61 7.63
CA TRP A 208 25.61 -3.50 7.80
C TRP A 208 25.69 -3.03 9.26
N GLY A 209 26.89 -2.64 9.68
CA GLY A 209 27.13 -2.10 11.02
C GLY A 209 27.51 -0.63 11.00
N LYS A 210 26.96 0.11 11.95
CA LYS A 210 27.23 1.54 12.10
C LYS A 210 27.29 1.90 13.58
N GLU A 211 28.18 2.85 13.92
CA GLU A 211 28.34 3.30 15.31
C GLU A 211 27.98 4.78 15.50
N ALA A 212 26.96 5.01 16.32
CA ALA A 212 26.52 6.37 16.68
C ALA A 212 27.25 6.84 17.94
N ASP A 213 26.52 7.41 18.90
CA ASP A 213 27.10 7.82 20.18
C ASP A 213 27.02 6.71 21.22
N GLY A 214 28.15 6.05 21.43
CA GLY A 214 28.31 4.96 22.40
C GLY A 214 27.42 3.74 22.15
N ILE A 215 27.14 3.47 20.88
CA ILE A 215 26.20 2.41 20.48
C ILE A 215 26.51 1.87 19.07
N LEU A 216 26.45 0.55 18.93
CA LEU A 216 26.51 -0.11 17.63
C LEU A 216 25.09 -0.48 17.18
N THR A 217 24.67 0.07 16.04
CA THR A 217 23.39 -0.30 15.42
C THR A 217 23.65 -1.14 14.18
N LEU A 218 23.08 -2.33 14.18
CA LEU A 218 23.18 -3.26 13.04
C LEU A 218 21.90 -3.23 12.23
N SER A 219 22.06 -3.32 10.90
CA SER A 219 20.96 -3.23 9.95
C SER A 219 20.96 -4.42 9.00
N CYS A 220 19.80 -5.04 8.82
CA CYS A 220 19.62 -6.13 7.86
C CYS A 220 18.59 -5.75 6.79
N ARG A 221 18.90 -6.06 5.54
CA ARG A 221 18.03 -5.72 4.42
C ARG A 221 17.86 -6.89 3.44
N ALA A 222 16.60 -7.22 3.17
CA ALA A 222 16.25 -8.21 2.14
C ALA A 222 15.75 -7.51 0.89
N HIS A 223 16.56 -7.57 -0.17
CA HIS A 223 16.26 -6.86 -1.43
C HIS A 223 15.56 -7.76 -2.46
N GLY A 224 14.33 -7.40 -2.80
CA GLY A 224 13.61 -7.96 -3.96
C GLY A 224 13.09 -9.38 -3.83
N PHE A 225 12.25 -9.62 -2.83
CA PHE A 225 11.65 -10.95 -2.60
C PHE A 225 10.17 -10.99 -2.97
N TYR A 226 9.74 -12.17 -3.43
CA TYR A 226 8.33 -12.49 -3.70
C TYR A 226 8.11 -13.99 -3.43
N PRO A 227 7.03 -14.40 -2.74
CA PRO A 227 5.91 -13.53 -2.30
C PRO A 227 6.17 -12.64 -1.07
N ARG A 228 5.14 -11.90 -0.67
CA ARG A 228 5.19 -10.94 0.44
C ARG A 228 5.51 -11.52 1.84
N PRO A 229 4.91 -12.68 2.22
CA PRO A 229 5.22 -13.20 3.57
C PRO A 229 6.70 -13.50 3.79
N ILE A 230 7.23 -12.94 4.87
CA ILE A 230 8.64 -13.08 5.24
C ILE A 230 8.80 -12.95 6.76
N VAL A 231 9.72 -13.72 7.32
CA VAL A 231 10.14 -13.59 8.72
C VAL A 231 11.62 -13.24 8.71
N VAL A 232 11.96 -12.12 9.35
CA VAL A 232 13.35 -11.67 9.46
C VAL A 232 13.71 -11.42 10.93
N SER A 233 14.57 -12.29 11.47
CA SER A 233 14.98 -12.27 12.87
C SER A 233 16.48 -12.07 13.05
N TRP A 234 16.86 -11.48 14.18
CA TRP A 234 18.26 -11.33 14.57
C TRP A 234 18.70 -12.47 15.50
N LEU A 235 19.94 -12.92 15.31
CA LEU A 235 20.56 -13.91 16.20
C LEU A 235 21.87 -13.39 16.77
N LYS A 236 22.02 -13.49 18.09
CA LYS A 236 23.27 -13.19 18.79
C LYS A 236 23.77 -14.46 19.46
N ASP A 237 24.97 -14.90 19.05
CA ASP A 237 25.58 -16.18 19.46
C ASP A 237 24.65 -17.40 19.22
N GLY A 238 23.92 -17.37 18.10
CA GLY A 238 22.98 -18.44 17.75
C GLY A 238 21.55 -18.22 18.23
N ALA A 239 21.39 -17.60 19.41
CA ALA A 239 20.09 -17.39 20.03
C ALA A 239 19.38 -16.14 19.50
N VAL A 240 18.06 -16.26 19.29
CA VAL A 240 17.23 -15.20 18.72
C VAL A 240 17.11 -14.00 19.68
N ARG A 241 17.43 -12.81 19.17
CA ARG A 241 17.28 -11.58 19.95
C ARG A 241 16.24 -10.63 19.38
N GLY A 242 15.29 -10.26 20.24
CA GLY A 242 14.28 -9.24 19.94
C GLY A 242 14.46 -8.00 20.79
N GLN A 243 15.44 -8.03 21.70
CA GLN A 243 15.78 -6.87 22.52
C GLN A 243 16.45 -5.81 21.67
N ASP A 244 15.86 -4.60 21.70
CA ASP A 244 16.29 -3.43 20.91
C ASP A 244 16.23 -3.66 19.39
N ALA A 245 15.42 -4.64 18.99
CA ALA A 245 15.17 -4.94 17.58
C ALA A 245 13.97 -4.16 17.09
N GLN A 246 14.02 -3.74 15.81
CA GLN A 246 12.91 -3.01 15.19
C GLN A 246 12.82 -3.32 13.70
N SER A 247 11.60 -3.59 13.25
CA SER A 247 11.30 -3.81 11.83
C SER A 247 10.66 -2.57 11.19
N GLY A 248 10.99 -2.35 9.93
CA GLY A 248 10.36 -1.30 9.12
C GLY A 248 9.23 -1.84 8.27
N GLY A 249 8.74 -3.03 8.61
CA GLY A 249 7.66 -3.70 7.87
C GLY A 249 8.09 -4.21 6.50
N ILE A 250 7.10 -4.62 5.71
CA ILE A 250 7.33 -5.08 4.34
C ILE A 250 6.88 -3.98 3.37
N VAL A 251 7.88 -3.38 2.69
CA VAL A 251 7.67 -2.24 1.79
C VAL A 251 7.92 -2.63 0.32
N PRO A 252 7.13 -2.06 -0.63
CA PRO A 252 7.22 -2.55 -2.01
C PRO A 252 8.34 -1.92 -2.85
N ASN A 253 8.83 -2.67 -3.82
CA ASN A 253 9.67 -2.13 -4.89
C ASN A 253 8.80 -1.77 -6.11
N GLY A 254 9.39 -1.10 -7.09
CA GLY A 254 8.68 -0.69 -8.31
C GLY A 254 8.33 -1.82 -9.26
N ASP A 255 9.07 -2.93 -9.17
CA ASP A 255 8.95 -4.07 -10.10
C ASP A 255 8.09 -5.22 -9.56
N GLY A 256 7.25 -4.94 -8.57
CA GLY A 256 6.35 -5.93 -7.99
C GLY A 256 7.00 -6.91 -7.03
N THR A 257 8.25 -6.64 -6.65
CA THR A 257 8.94 -7.38 -5.60
C THR A 257 8.89 -6.57 -4.30
N TYR A 258 9.33 -7.16 -3.20
CA TYR A 258 9.28 -6.51 -1.89
C TYR A 258 10.65 -6.30 -1.23
N HIS A 259 10.69 -5.34 -0.32
CA HIS A 259 11.87 -5.03 0.49
C HIS A 259 11.48 -5.00 1.97
N THR A 260 12.40 -5.41 2.83
CA THR A 260 12.23 -5.27 4.29
C THR A 260 13.53 -4.88 5.00
N TRP A 261 13.39 -4.01 6.00
CA TRP A 261 14.50 -3.43 6.74
C TRP A 261 14.32 -3.64 8.23
N VAL A 262 15.25 -4.39 8.83
CA VAL A 262 15.23 -4.69 10.26
C VAL A 262 16.54 -4.23 10.92
N THR A 263 16.42 -3.50 12.03
CA THR A 263 17.57 -3.00 12.78
C THR A 263 17.63 -3.59 14.19
N ILE A 264 18.85 -3.67 14.74
CA ILE A 264 19.05 -4.02 16.16
C ILE A 264 20.15 -3.15 16.78
N ASP A 265 19.85 -2.61 17.96
CA ASP A 265 20.85 -1.92 18.77
C ASP A 265 21.64 -2.94 19.57
N ALA A 266 22.97 -2.76 19.58
CA ALA A 266 23.89 -3.66 20.25
C ALA A 266 25.01 -2.89 20.94
N GLN A 267 25.79 -3.59 21.75
CA GLN A 267 26.98 -3.03 22.40
C GLN A 267 28.12 -2.92 21.38
N PRO A 268 28.91 -1.81 21.45
CA PRO A 268 30.06 -1.62 20.56
C PRO A 268 31.07 -2.79 20.60
N GLY A 269 31.58 -3.16 19.43
CA GLY A 269 32.52 -4.28 19.29
C GLY A 269 31.88 -5.63 18.99
N ASP A 270 30.56 -5.75 19.21
CA ASP A 270 29.84 -7.02 19.08
C ASP A 270 29.35 -7.37 17.66
N GLY A 271 30.04 -6.84 16.65
CA GLY A 271 29.68 -7.05 15.24
C GLY A 271 29.65 -8.49 14.74
N ASP A 272 30.67 -9.26 15.13
CA ASP A 272 30.81 -10.66 14.69
C ASP A 272 29.84 -11.64 15.36
N LYS A 273 29.24 -11.23 16.47
CA LYS A 273 28.29 -12.05 17.23
C LYS A 273 26.94 -12.21 16.52
N TYR A 274 26.58 -11.22 15.71
CA TYR A 274 25.23 -11.11 15.14
C TYR A 274 25.08 -11.71 13.75
N GLN A 275 23.92 -12.33 13.53
CA GLN A 275 23.52 -12.87 12.23
C GLN A 275 22.06 -12.54 11.93
N CYS A 276 21.72 -12.51 10.65
CA CYS A 276 20.37 -12.18 10.20
C CYS A 276 19.69 -13.41 9.59
N ARG A 277 18.68 -13.90 10.30
CA ARG A 277 17.90 -15.08 9.89
C ARG A 277 16.76 -14.64 8.98
N VAL A 278 16.72 -15.22 7.78
CA VAL A 278 15.67 -14.92 6.79
C VAL A 278 14.88 -16.19 6.49
N GLU A 279 13.57 -16.15 6.78
CA GLU A 279 12.64 -17.23 6.46
C GLU A 279 11.68 -16.77 5.35
N HIS A 280 11.86 -17.38 4.17
CA HIS A 280 11.09 -17.02 2.98
C HIS A 280 10.83 -18.26 2.11
N ALA A 281 9.74 -18.23 1.36
CA ALA A 281 9.29 -19.32 0.49
C ALA A 281 10.31 -19.75 -0.58
N SER A 282 11.11 -18.78 -1.05
CA SER A 282 12.16 -19.03 -2.04
C SER A 282 13.38 -19.79 -1.48
N LEU A 283 13.46 -19.86 -0.16
CA LEU A 283 14.54 -20.57 0.54
C LEU A 283 14.01 -21.87 1.16
N PRO A 284 14.53 -23.05 0.73
CA PRO A 284 14.12 -24.34 1.31
C PRO A 284 14.51 -24.47 2.78
N GLN A 285 15.66 -23.88 3.13
CA GLN A 285 16.11 -23.76 4.51
C GLN A 285 16.43 -22.29 4.81
N PRO A 286 16.20 -21.83 6.07
CA PRO A 286 16.46 -20.43 6.44
C PRO A 286 17.90 -20.00 6.18
N GLY A 287 18.07 -18.76 5.71
CA GLY A 287 19.38 -18.21 5.40
C GLY A 287 19.90 -17.29 6.49
N LEU A 288 21.16 -17.50 6.87
CA LEU A 288 21.84 -16.69 7.88
C LEU A 288 22.95 -15.85 7.25
N TYR A 289 22.99 -14.56 7.59
CA TYR A 289 23.89 -13.60 6.96
C TYR A 289 24.60 -12.71 7.98
N SER A 290 25.89 -12.45 7.74
CA SER A 290 26.73 -11.68 8.65
C SER A 290 27.43 -10.48 7.98
N TRP A 291 27.88 -9.53 8.80
CA TRP A 291 28.57 -8.32 8.34
C TRP A 291 30.05 -8.59 8.10
N ASP B 1 -5.07 13.84 11.41
CA ASP B 1 -3.71 14.29 10.99
C ASP B 1 -2.61 13.39 11.55
N LEU B 2 -1.90 12.71 10.64
CA LEU B 2 -0.81 11.80 11.00
C LEU B 2 0.43 12.08 10.15
N THR B 3 1.59 12.15 10.80
CA THR B 3 2.87 12.38 10.14
C THR B 3 3.28 11.19 9.25
N PRO B 4 3.95 11.46 8.11
CA PRO B 4 4.39 10.37 7.23
C PRO B 4 5.60 9.61 7.79
N LYS B 5 5.56 8.28 7.66
CA LYS B 5 6.67 7.40 8.01
C LYS B 5 7.40 7.03 6.73
N VAL B 6 8.65 7.47 6.63
CA VAL B 6 9.40 7.45 5.37
C VAL B 6 10.62 6.52 5.45
N GLN B 7 10.81 5.74 4.39
CA GLN B 7 11.97 4.86 4.23
C GLN B 7 12.59 5.03 2.85
N VAL B 8 13.91 5.18 2.82
CA VAL B 8 14.67 5.26 1.56
C VAL B 8 15.58 4.03 1.43
N TYR B 9 15.51 3.37 0.28
CA TYR B 9 16.16 2.08 0.06
C TYR B 9 16.32 1.82 -1.44
N SER B 10 17.44 1.19 -1.81
CA SER B 10 17.67 0.77 -3.19
C SER B 10 17.01 -0.57 -3.48
N ARG B 11 16.76 -0.84 -4.76
CA ARG B 11 16.20 -2.12 -5.22
C ARG B 11 17.18 -3.28 -5.05
N PHE B 12 18.45 -3.03 -5.38
CA PHE B 12 19.52 -4.01 -5.22
C PHE B 12 20.52 -3.52 -4.16
N PRO B 13 21.29 -4.44 -3.53
CA PRO B 13 22.44 -4.04 -2.72
C PRO B 13 23.36 -3.12 -3.52
N ALA B 14 23.56 -1.91 -3.00
CA ALA B 14 24.24 -0.83 -3.73
C ALA B 14 25.75 -1.00 -3.82
N SER B 15 26.29 -0.61 -4.97
CA SER B 15 27.73 -0.46 -5.19
C SER B 15 27.93 0.61 -6.25
N ALA B 16 29.00 1.40 -6.12
CA ALA B 16 29.31 2.50 -7.05
C ALA B 16 29.49 2.02 -8.48
N GLY B 17 28.66 2.57 -9.38
CA GLY B 17 28.74 2.28 -10.82
C GLY B 17 27.81 1.19 -11.35
N THR B 18 27.09 0.53 -10.45
CA THR B 18 26.14 -0.53 -10.82
C THR B 18 24.72 0.04 -10.91
N LYS B 19 23.99 -0.37 -11.95
CA LYS B 19 22.61 0.10 -12.18
C LYS B 19 21.62 -0.39 -11.12
N ASN B 20 20.89 0.56 -10.55
CA ASN B 20 19.98 0.33 -9.42
C ASN B 20 18.73 1.22 -9.52
N VAL B 21 17.80 1.03 -8.59
CA VAL B 21 16.58 1.86 -8.49
C VAL B 21 16.46 2.39 -7.06
N LEU B 22 16.27 3.71 -6.93
CA LEU B 22 16.09 4.34 -5.61
C LEU B 22 14.61 4.53 -5.29
N ASN B 23 14.19 3.89 -4.20
CA ASN B 23 12.80 3.93 -3.76
C ASN B 23 12.61 4.80 -2.53
N CYS B 24 11.57 5.63 -2.56
CA CYS B 24 11.12 6.37 -1.39
C CYS B 24 9.67 6.00 -1.10
N PHE B 25 9.45 5.42 0.08
CA PHE B 25 8.13 4.96 0.50
C PHE B 25 7.66 5.70 1.74
N ALA B 26 6.70 6.61 1.54
CA ALA B 26 6.02 7.31 2.63
C ALA B 26 4.74 6.55 2.97
N ALA B 27 4.48 6.39 4.27
CA ALA B 27 3.34 5.60 4.77
C ALA B 27 2.77 6.14 6.07
N GLY B 28 1.54 5.75 6.37
CA GLY B 28 0.89 6.05 7.66
C GLY B 28 0.47 7.50 7.87
N PHE B 29 0.23 8.22 6.76
CA PHE B 29 -0.09 9.65 6.82
C PHE B 29 -1.55 9.99 6.46
N HIS B 30 -1.99 11.13 6.99
CA HIS B 30 -3.28 11.75 6.68
C HIS B 30 -3.13 13.26 6.90
N PRO B 31 -3.63 14.12 5.99
CA PRO B 31 -4.38 13.76 4.78
C PRO B 31 -3.50 13.27 3.59
N PRO B 32 -4.12 12.77 2.50
CA PRO B 32 -3.38 12.14 1.38
C PRO B 32 -2.48 13.05 0.54
N LYS B 33 -2.75 14.36 0.55
CA LYS B 33 -1.97 15.36 -0.18
C LYS B 33 -0.53 15.38 0.34
N ILE B 34 0.41 15.06 -0.56
CA ILE B 34 1.83 14.93 -0.20
C ILE B 34 2.75 15.28 -1.38
N SER B 35 3.90 15.84 -1.04
CA SER B 35 4.97 16.08 -2.00
C SER B 35 6.15 15.18 -1.65
N ILE B 36 6.48 14.26 -2.56
CA ILE B 36 7.64 13.37 -2.41
C ILE B 36 8.57 13.58 -3.60
N THR B 37 9.83 13.91 -3.30
CA THR B 37 10.84 14.19 -4.33
C THR B 37 12.13 13.42 -4.04
N LEU B 38 12.58 12.66 -5.04
CA LEU B 38 13.88 11.97 -4.98
C LEU B 38 14.99 12.91 -5.46
N MET B 39 16.06 13.01 -4.67
CA MET B 39 17.11 13.99 -4.89
C MET B 39 18.54 13.44 -4.83
N LYS B 40 19.39 14.02 -5.67
CA LYS B 40 20.81 13.73 -5.69
C LYS B 40 21.60 15.04 -5.57
N ASP B 41 22.30 15.19 -4.46
CA ASP B 41 23.17 16.36 -4.15
C ASP B 41 22.51 17.71 -4.42
N GLY B 42 21.26 17.85 -3.96
CA GLY B 42 20.47 19.07 -4.15
C GLY B 42 19.82 19.23 -5.51
N VAL B 43 19.86 18.19 -6.33
CA VAL B 43 19.22 18.19 -7.64
C VAL B 43 18.15 17.08 -7.69
N PRO B 44 16.90 17.42 -8.10
CA PRO B 44 15.86 16.41 -8.31
C PRO B 44 16.24 15.41 -9.41
N MET B 45 15.93 14.14 -9.17
CA MET B 45 16.33 13.05 -10.07
C MET B 45 15.37 12.86 -11.25
N GLU B 46 15.96 12.66 -12.44
CA GLU B 46 15.21 12.50 -13.68
C GLU B 46 14.57 11.12 -13.80
N GLY B 47 13.39 11.08 -14.41
CA GLY B 47 12.67 9.84 -14.70
C GLY B 47 12.07 9.14 -13.49
N ALA B 48 11.62 9.92 -12.52
CA ALA B 48 10.97 9.38 -11.32
C ALA B 48 9.54 8.93 -11.64
N GLN B 49 9.29 7.63 -11.47
CA GLN B 49 7.95 7.06 -11.63
C GLN B 49 7.19 7.12 -10.32
N TYR B 50 6.00 7.72 -10.37
CA TYR B 50 5.12 7.87 -9.21
C TYR B 50 4.04 6.79 -9.23
N SER B 51 4.19 5.80 -8.34
CA SER B 51 3.22 4.71 -8.20
C SER B 51 1.91 5.23 -7.60
N ASP B 52 0.80 4.56 -7.99
CA ASP B 52 -0.56 4.93 -7.59
C ASP B 52 -0.74 5.05 -6.08
N MET B 53 -1.58 6.00 -5.67
CA MET B 53 -1.91 6.22 -4.27
C MET B 53 -2.71 5.05 -3.71
N SER B 54 -2.24 4.53 -2.57
CA SER B 54 -2.86 3.43 -1.86
C SER B 54 -3.05 3.79 -0.38
N PHE B 55 -3.75 2.93 0.36
CA PHE B 55 -3.84 3.03 1.82
C PHE B 55 -3.97 1.69 2.52
N ASN B 56 -3.43 1.63 3.75
CA ASN B 56 -3.41 0.42 4.58
C ASN B 56 -4.76 0.17 5.26
N ASP B 57 -4.85 -0.92 6.04
CA ASP B 57 -6.07 -1.33 6.76
C ASP B 57 -6.58 -0.32 7.79
N ASP B 58 -5.65 0.48 8.33
CA ASP B 58 -5.98 1.54 9.28
C ASP B 58 -6.33 2.88 8.59
N TRP B 59 -6.69 2.77 7.30
CA TRP B 59 -7.09 3.91 6.42
C TRP B 59 -5.97 4.88 6.03
N THR B 60 -4.81 4.78 6.69
CA THR B 60 -3.72 5.73 6.51
C THR B 60 -3.04 5.57 5.16
N PHE B 61 -2.77 6.71 4.52
CA PHE B 61 -2.29 6.75 3.13
C PHE B 61 -0.82 6.38 2.96
N GLN B 62 -0.49 5.89 1.76
CA GLN B 62 0.86 5.47 1.41
C GLN B 62 1.15 5.68 -0.08
N ARG B 63 2.40 6.02 -0.39
CA ARG B 63 2.82 6.26 -1.77
C ARG B 63 4.27 5.85 -2.00
N LEU B 64 4.50 5.11 -3.09
CA LEU B 64 5.84 4.74 -3.53
C LEU B 64 6.28 5.63 -4.69
N VAL B 65 7.54 6.09 -4.63
CA VAL B 65 8.18 6.82 -5.73
C VAL B 65 9.50 6.11 -6.02
N HIS B 66 9.73 5.75 -7.29
CA HIS B 66 10.96 5.06 -7.69
C HIS B 66 11.61 5.65 -8.95
N ALA B 67 12.95 5.64 -8.96
CA ALA B 67 13.74 6.15 -10.08
C ALA B 67 14.99 5.32 -10.35
N ASP B 68 15.20 4.98 -11.62
CA ASP B 68 16.41 4.31 -12.09
C ASP B 68 17.62 5.22 -11.94
N PHE B 69 18.69 4.71 -11.34
CA PHE B 69 19.91 5.48 -11.11
C PHE B 69 21.16 4.62 -11.01
N THR B 70 22.29 5.22 -11.37
CA THR B 70 23.60 4.59 -11.22
C THR B 70 24.32 5.37 -10.10
N PRO B 71 24.34 4.80 -8.87
CA PRO B 71 24.94 5.47 -7.70
C PRO B 71 26.43 5.76 -7.86
N SER B 72 26.80 7.01 -7.66
CA SER B 72 28.20 7.44 -7.64
C SER B 72 28.69 7.57 -6.20
N SER B 73 29.94 7.18 -5.97
CA SER B 73 30.57 7.27 -4.65
C SER B 73 30.84 8.72 -4.25
N GLY B 74 30.55 9.05 -2.99
CA GLY B 74 30.72 10.40 -2.47
C GLY B 74 29.52 11.30 -2.68
N SER B 75 28.48 10.77 -3.31
CA SER B 75 27.21 11.47 -3.51
C SER B 75 26.25 11.24 -2.34
N THR B 76 25.42 12.24 -2.08
CA THR B 76 24.35 12.12 -1.09
C THR B 76 23.01 11.98 -1.81
N TYR B 77 22.37 10.84 -1.63
CA TYR B 77 21.04 10.57 -2.15
C TYR B 77 20.02 10.69 -1.02
N ALA B 78 18.95 11.42 -1.29
CA ALA B 78 17.95 11.76 -0.26
C ALA B 78 16.53 11.89 -0.82
N CYS B 79 15.56 11.76 0.09
CA CYS B 79 14.15 11.93 -0.24
C CYS B 79 13.56 13.10 0.54
N LYS B 80 12.96 14.04 -0.19
CA LYS B 80 12.35 15.23 0.41
C LYS B 80 10.84 15.08 0.48
N VAL B 81 10.31 15.16 1.71
CA VAL B 81 8.89 14.97 1.97
C VAL B 81 8.27 16.25 2.55
N GLU B 82 7.18 16.69 1.94
CA GLU B 82 6.43 17.87 2.37
C GLU B 82 4.98 17.50 2.65
N HIS B 83 4.55 17.70 3.89
CA HIS B 83 3.21 17.37 4.35
C HIS B 83 2.72 18.43 5.35
N GLU B 84 1.39 18.58 5.43
CA GLU B 84 0.74 19.57 6.30
C GLU B 84 1.04 19.42 7.78
N THR B 85 1.26 18.18 8.24
CA THR B 85 1.62 17.88 9.62
C THR B 85 3.06 18.28 9.97
N LEU B 86 3.86 18.54 8.94
CA LEU B 86 5.26 18.94 9.08
C LEU B 86 5.42 20.45 8.91
N LYS B 87 6.11 21.07 9.87
CA LYS B 87 6.36 22.52 9.85
C LYS B 87 7.39 22.87 8.77
N GLU B 88 8.56 22.25 8.86
CA GLU B 88 9.62 22.33 7.84
C GLU B 88 9.62 21.06 6.99
N PRO B 89 10.02 21.15 5.70
CA PRO B 89 10.25 19.95 4.88
C PRO B 89 11.28 19.02 5.50
N GLN B 90 11.05 17.71 5.37
CA GLN B 90 11.91 16.70 5.98
C GLN B 90 12.74 15.97 4.91
N VAL B 91 14.03 15.86 5.15
CA VAL B 91 14.97 15.24 4.23
C VAL B 91 15.49 13.93 4.84
N TYR B 92 15.15 12.82 4.20
CA TYR B 92 15.54 11.49 4.65
C TYR B 92 16.67 10.96 3.76
N LYS B 93 17.87 10.92 4.34
CA LYS B 93 19.08 10.50 3.62
C LYS B 93 19.11 8.99 3.42
N TRP B 94 19.70 8.58 2.30
CA TRP B 94 19.87 7.16 1.98
C TRP B 94 21.32 6.76 2.20
N ASP B 95 21.51 5.71 3.00
CA ASP B 95 22.83 5.14 3.26
C ASP B 95 22.98 3.84 2.48
N PRO B 96 23.94 3.79 1.52
CA PRO B 96 24.22 2.56 0.77
C PRO B 96 24.81 1.44 1.64
N GLU B 97 25.46 1.81 2.74
CA GLU B 97 26.07 0.86 3.66
C GLU B 97 25.36 0.82 5.02
N PHE B 98 24.02 0.93 4.98
CA PHE B 98 23.15 0.78 6.15
C PHE B 98 21.71 0.49 5.71
N GLY C 1 -13.91 -6.83 -11.96
CA GLY C 1 -14.94 -7.65 -11.26
C GLY C 1 -15.78 -6.85 -10.29
N ARG C 2 -16.01 -5.59 -10.60
CA ARG C 2 -16.82 -4.68 -9.78
C ARG C 2 -18.30 -5.05 -9.79
N ALA C 3 -18.98 -4.76 -8.68
CA ALA C 3 -20.43 -4.93 -8.58
C ALA C 3 -21.13 -3.88 -9.43
N GLU C 4 -22.21 -4.28 -10.11
CA GLU C 4 -23.00 -3.37 -10.94
C GLU C 4 -23.59 -2.21 -10.12
N GLU C 5 -23.94 -2.49 -8.87
CA GLU C 5 -24.53 -1.50 -7.97
C GLU C 5 -23.48 -0.60 -7.32
N TYR C 6 -23.27 0.57 -7.92
CA TYR C 6 -22.39 1.60 -7.36
C TYR C 6 -23.09 2.47 -6.31
N GLY C 7 -24.41 2.30 -6.20
CA GLY C 7 -25.21 2.95 -5.15
C GLY C 7 -24.89 2.47 -3.74
N ALA C 8 -24.27 1.29 -3.62
CA ALA C 8 -23.79 0.76 -2.35
C ALA C 8 -22.70 1.64 -1.69
N ASP C 9 -22.19 2.60 -2.47
CA ASP C 9 -21.23 3.61 -2.00
C ASP C 9 -21.88 4.83 -1.32
N THR C 10 -23.22 4.88 -1.33
CA THR C 10 -23.99 6.01 -0.79
C THR C 10 -23.74 6.21 0.71
N LEU C 11 -23.37 7.44 1.06
CA LEU C 11 -23.23 7.85 2.47
C LEU C 11 -24.21 8.95 2.82
C1 EDO D . -17.63 -2.83 -5.01
O1 EDO D . -17.36 -3.65 -6.17
C2 EDO D . -18.76 -3.44 -4.19
O2 EDO D . -19.92 -2.60 -4.27
#